data_2BR6
#
_entry.id   2BR6
#
_cell.length_a   51.904
_cell.length_b   55.745
_cell.length_c   73.855
_cell.angle_alpha   90.00
_cell.angle_beta   90.00
_cell.angle_gamma   90.00
#
_symmetry.space_group_name_H-M   'P 21 21 21'
#
loop_
_entity.id
_entity.type
_entity.pdbx_description
1 polymer 'AIIA-LIKE PROTEIN'
2 non-polymer 'ZINC ION'
3 non-polymer GLYCEROL
4 non-polymer 'HOMOSERINE LACTONE'
5 water water
#
_entity_poly.entity_id   1
_entity_poly.type   'polypeptide(L)'
_entity_poly.pdbx_seq_one_letter_code
;MDMTVKKLYFIPAGRCMLDHSSVNSALTPGKLLNLPVWCYLLETEEGPILVDTGMPESAVNNEGLFNGTFVEGQILPKMT
EEDRIVNILKRVGYEPDDLLYIISSHLHFDHAGGNGAFTNTPIIVQRTEYEAALHREEYMKECILPHLNYKIIEGDYEVV
PGVQLLYTPGHSPGHQSLFIKTEQSGSVLLTIDASYTKENFEDEVPFAGFDPELALSSIKRLKEVVKKEKPIIFFGHDIE
QEKSCRVFPEYI
;
_entity_poly.pdbx_strand_id   A
#
loop_
_chem_comp.id
_chem_comp.type
_chem_comp.name
_chem_comp.formula
GOL non-polymer GLYCEROL 'C3 H8 O3'
ZN non-polymer 'ZINC ION' 'Zn 2'
#
# COMPACT_ATOMS: atom_id res chain seq x y z
N MET A 1 -15.23 -20.33 11.90
CA MET A 1 -14.93 -18.88 11.88
C MET A 1 -13.50 -18.65 11.44
N ASP A 2 -13.32 -17.69 10.53
CA ASP A 2 -11.99 -17.29 10.09
C ASP A 2 -11.20 -16.71 11.26
N MET A 3 -9.94 -17.10 11.35
CA MET A 3 -9.02 -16.44 12.26
C MET A 3 -8.89 -14.97 11.87
N THR A 4 -8.63 -14.13 12.87
CA THR A 4 -8.29 -12.72 12.64
C THR A 4 -6.78 -12.58 12.61
N VAL A 5 -6.32 -11.45 12.05
CA VAL A 5 -4.93 -11.05 12.15
C VAL A 5 -4.62 -10.77 13.62
N LYS A 6 -3.53 -11.35 14.12
CA LYS A 6 -3.13 -11.19 15.51
C LYS A 6 -2.69 -9.75 15.79
N LYS A 7 -1.87 -9.23 14.88
CA LYS A 7 -1.28 -7.90 15.00
C LYS A 7 -1.22 -7.24 13.64
N LEU A 8 -1.67 -6.00 13.56
CA LEU A 8 -1.45 -5.16 12.40
C LEU A 8 -0.54 -4.00 12.76
N TYR A 9 0.67 -4.00 12.18
CA TYR A 9 1.64 -2.92 12.42
C TYR A 9 1.73 -1.93 11.27
N PHE A 10 1.65 -0.64 11.60
CA PHE A 10 1.88 0.43 10.63
C PHE A 10 3.34 0.81 10.73
N ILE A 11 4.02 0.79 9.59
CA ILE A 11 5.46 1.02 9.58
C ILE A 11 5.82 2.19 8.67
N PRO A 12 6.26 3.31 9.25
CA PRO A 12 6.77 4.44 8.45
C PRO A 12 7.94 4.01 7.59
N ALA A 13 7.88 4.35 6.32
CA ALA A 13 8.89 3.90 5.34
C ALA A 13 9.40 5.08 4.53
N GLY A 14 9.59 6.21 5.22
CA GLY A 14 10.12 7.41 4.59
C GLY A 14 9.01 8.31 4.06
N ARG A 15 9.40 9.26 3.24
CA ARG A 15 8.45 10.26 2.77
C ARG A 15 8.65 10.55 1.29
N CYS A 16 7.67 11.23 0.71
CA CYS A 16 7.76 11.65 -0.68
C CYS A 16 7.13 13.01 -0.85
N MET A 17 7.87 13.92 -1.49
CA MET A 17 7.35 15.24 -1.78
C MET A 17 6.70 15.30 -3.17
N LEU A 18 5.53 15.93 -3.21
CA LEU A 18 4.71 16.04 -4.43
C LEU A 18 4.10 17.43 -4.46
N ASP A 19 3.71 17.89 -5.64
CA ASP A 19 2.90 19.10 -5.72
C ASP A 19 1.55 18.83 -5.08
N HIS A 20 1.01 19.83 -4.38
CA HIS A 20 -0.23 19.65 -3.62
C HIS A 20 -1.44 19.30 -4.48
N SER A 21 -1.32 19.51 -5.80
CA SER A 21 -2.40 19.13 -6.74
C SER A 21 -2.55 17.61 -6.84
N SER A 22 -1.57 16.86 -6.33
CA SER A 22 -1.65 15.40 -6.25
C SER A 22 -2.79 14.90 -5.37
N VAL A 23 -3.12 15.65 -4.31
CA VAL A 23 -4.16 15.24 -3.34
C VAL A 23 -5.50 15.92 -3.62
N ASN A 24 -5.46 16.92 -4.50
CA ASN A 24 -6.66 17.64 -4.90
C ASN A 24 -6.40 18.26 -6.26
N SER A 25 -6.94 17.61 -7.29
CA SER A 25 -6.72 18.01 -8.68
C SER A 25 -7.15 19.45 -9.02
N ALA A 26 -7.92 20.09 -8.14
CA ALA A 26 -8.38 21.47 -8.35
C ALA A 26 -7.40 22.55 -7.85
N LEU A 27 -6.39 22.15 -7.08
CA LEU A 27 -5.41 23.09 -6.52
C LEU A 27 -4.42 23.60 -7.57
N THR A 28 -4.09 24.88 -7.47
CA THR A 28 -3.11 25.51 -8.37
C THR A 28 -1.71 24.95 -8.11
N PRO A 29 -1.09 24.36 -9.13
CA PRO A 29 0.26 23.81 -8.96
C PRO A 29 1.27 24.87 -8.49
N GLY A 30 2.21 24.47 -7.64
CA GLY A 30 3.27 25.36 -7.19
C GLY A 30 3.52 25.35 -5.69
N LYS A 31 2.93 24.38 -5.00
CA LYS A 31 3.11 24.22 -3.56
C LYS A 31 3.40 22.75 -3.27
N LEU A 32 4.39 22.50 -2.41
CA LEU A 32 4.81 21.15 -2.10
C LEU A 32 4.12 20.56 -0.88
N LEU A 33 3.81 19.27 -0.96
CA LEU A 33 3.36 18.49 0.18
C LEU A 33 4.36 17.37 0.42
N ASN A 34 4.60 17.07 1.69
CA ASN A 34 5.54 16.04 2.06
C ASN A 34 4.71 14.90 2.66
N LEU A 35 4.47 13.88 1.84
CA LEU A 35 3.54 12.79 2.18
C LEU A 35 4.23 11.58 2.83
N PRO A 36 3.56 10.91 3.78
CA PRO A 36 4.14 9.72 4.41
C PRO A 36 4.06 8.52 3.47
N VAL A 37 5.10 7.69 3.48
CA VAL A 37 5.11 6.39 2.81
C VAL A 37 4.99 5.31 3.88
N TRP A 38 4.15 4.32 3.61
CA TRP A 38 3.80 3.30 4.60
C TRP A 38 4.06 1.91 4.06
N CYS A 39 4.44 1.01 4.95
CA CYS A 39 4.16 -0.39 4.72
C CYS A 39 3.50 -0.95 5.96
N TYR A 40 2.96 -2.16 5.86
CA TYR A 40 2.18 -2.70 6.96
C TYR A 40 2.59 -4.13 7.15
N LEU A 41 2.69 -4.56 8.41
CA LEU A 41 3.07 -5.95 8.70
C LEU A 41 1.94 -6.61 9.46
N LEU A 42 1.54 -7.78 8.96
CA LEU A 42 0.40 -8.50 9.50
C LEU A 42 0.92 -9.80 10.08
N GLU A 43 0.74 -9.99 11.38
CA GLU A 43 1.08 -11.23 12.03
C GLU A 43 -0.16 -12.11 11.99
N THR A 44 -0.06 -13.24 11.29
CA THR A 44 -1.19 -14.16 11.15
C THR A 44 -0.81 -15.56 11.60
N GLU A 45 -1.82 -16.39 11.78
CA GLU A 45 -1.62 -17.77 12.20
C GLU A 45 -0.59 -18.49 11.34
N GLU A 46 -0.68 -18.33 10.01
CA GLU A 46 0.20 -19.01 9.06
C GLU A 46 1.58 -18.36 8.92
N GLY A 47 1.69 -17.12 9.37
CA GLY A 47 2.96 -16.38 9.35
C GLY A 47 2.80 -14.89 9.05
N PRO A 48 3.92 -14.16 9.05
CA PRO A 48 3.90 -12.72 8.81
C PRO A 48 3.73 -12.40 7.33
N ILE A 49 2.94 -11.36 7.08
CA ILE A 49 2.66 -10.89 5.74
C ILE A 49 3.00 -9.41 5.66
N LEU A 50 3.74 -9.03 4.63
CA LEU A 50 4.14 -7.65 4.45
C LEU A 50 3.33 -7.02 3.31
N VAL A 51 2.71 -5.88 3.59
CA VAL A 51 1.99 -5.12 2.58
C VAL A 51 2.88 -3.93 2.17
N ASP A 52 3.34 -3.96 0.92
CA ASP A 52 4.22 -2.95 0.32
C ASP A 52 5.64 -2.98 0.92
N THR A 53 6.61 -2.39 0.20
CA THR A 53 8.03 -2.58 0.51
C THR A 53 8.86 -1.31 0.42
N GLY A 54 8.19 -0.17 0.43
CA GLY A 54 8.89 1.11 0.45
C GLY A 54 9.52 1.50 -0.87
N MET A 55 10.44 2.46 -0.78
CA MET A 55 11.03 3.08 -1.96
C MET A 55 12.32 2.37 -2.39
N PRO A 56 12.76 2.58 -3.65
CA PRO A 56 13.98 1.95 -4.16
C PRO A 56 15.21 2.46 -3.44
N GLU A 57 16.23 1.62 -3.27
CA GLU A 57 17.44 2.09 -2.61
C GLU A 57 18.12 3.23 -3.37
N SER A 58 17.80 3.35 -4.67
CA SER A 58 18.32 4.45 -5.49
C SER A 58 17.76 5.82 -5.07
N ALA A 59 16.71 5.80 -4.26
CA ALA A 59 16.08 7.02 -3.76
C ALA A 59 16.73 7.54 -2.47
N VAL A 60 17.56 6.70 -1.84
CA VAL A 60 18.25 7.08 -0.60
C VAL A 60 19.14 8.28 -0.89
N ASN A 61 18.90 9.36 -0.15
CA ASN A 61 19.68 10.60 -0.28
C ASN A 61 19.74 11.13 -1.71
N ASN A 62 18.62 11.09 -2.41
CA ASN A 62 18.60 11.37 -3.84
C ASN A 62 17.31 12.02 -4.29
N ILE A 75 8.17 14.91 -8.19
CA ILE A 75 8.28 13.82 -7.22
C ILE A 75 9.69 13.72 -6.65
N LEU A 76 9.82 14.06 -5.36
CA LEU A 76 11.11 14.09 -4.67
C LEU A 76 11.09 13.15 -3.46
N PRO A 77 11.67 11.96 -3.59
CA PRO A 77 11.73 11.02 -2.47
C PRO A 77 12.53 11.59 -1.31
N LYS A 78 12.02 11.38 -0.09
CA LYS A 78 12.75 11.74 1.12
C LYS A 78 12.99 10.45 1.90
N MET A 79 14.13 9.84 1.61
CA MET A 79 14.42 8.51 2.08
C MET A 79 15.83 8.45 2.63
N THR A 80 15.97 7.84 3.81
CA THR A 80 17.29 7.56 4.39
C THR A 80 17.53 6.06 4.45
N GLU A 81 18.77 5.67 4.76
CA GLU A 81 19.13 4.25 4.94
C GLU A 81 18.13 3.49 5.80
N GLU A 82 17.63 4.14 6.84
CA GLU A 82 16.68 3.56 7.78
C GLU A 82 15.37 3.10 7.12
N ASP A 83 15.02 3.78 6.03
CA ASP A 83 13.75 3.53 5.32
C ASP A 83 13.81 2.39 4.31
N ARG A 84 15.01 1.87 4.06
CA ARG A 84 15.19 0.71 3.16
C ARG A 84 14.44 -0.49 3.75
N ILE A 85 13.71 -1.24 2.93
CA ILE A 85 12.89 -2.35 3.47
C ILE A 85 13.70 -3.34 4.30
N VAL A 86 14.96 -3.56 3.96
CA VAL A 86 15.73 -4.53 4.73
C VAL A 86 16.14 -3.99 6.11
N ASN A 87 16.27 -2.66 6.21
CA ASN A 87 16.46 -2.07 7.53
C ASN A 87 15.15 -2.07 8.32
N ILE A 88 14.04 -1.82 7.65
CA ILE A 88 12.73 -2.07 8.24
C ILE A 88 12.63 -3.53 8.70
N LEU A 89 13.03 -4.46 7.83
CA LEU A 89 13.04 -5.90 8.16
C LEU A 89 13.87 -6.14 9.42
N LYS A 90 15.04 -5.53 9.48
CA LYS A 90 15.91 -5.68 10.67
C LYS A 90 15.19 -5.19 11.93
N ARG A 91 14.50 -4.05 11.83
CA ARG A 91 13.81 -3.49 12.99
C ARG A 91 12.57 -4.28 13.42
N VAL A 92 11.84 -4.87 12.46
CA VAL A 92 10.71 -5.71 12.86
C VAL A 92 11.16 -7.12 13.30
N GLY A 93 12.41 -7.46 12.99
CA GLY A 93 13.00 -8.72 13.45
C GLY A 93 12.80 -9.91 12.51
N TYR A 94 12.60 -9.62 11.23
CA TYR A 94 12.45 -10.67 10.22
C TYR A 94 13.49 -10.55 9.11
N GLU A 95 13.88 -11.71 8.56
CA GLU A 95 14.60 -11.79 7.29
C GLU A 95 13.57 -11.96 6.18
N PRO A 96 13.90 -11.57 4.94
CA PRO A 96 12.95 -11.70 3.81
C PRO A 96 12.27 -13.08 3.74
N ASP A 97 13.03 -14.17 3.93
CA ASP A 97 12.48 -15.52 3.81
C ASP A 97 11.48 -15.91 4.91
N ASP A 98 11.44 -15.13 5.99
CA ASP A 98 10.47 -15.36 7.08
C ASP A 98 9.04 -15.02 6.67
N LEU A 99 8.91 -14.15 5.67
CA LEU A 99 7.60 -13.63 5.26
C LEU A 99 6.80 -14.70 4.51
N LEU A 100 5.54 -14.87 4.91
CA LEU A 100 4.63 -15.82 4.25
C LEU A 100 4.25 -15.35 2.84
N TYR A 101 3.85 -14.09 2.75
CA TYR A 101 3.51 -13.44 1.50
C TYR A 101 3.98 -12.00 1.55
N ILE A 102 4.30 -11.45 0.39
CA ILE A 102 4.34 -10.02 0.18
C ILE A 102 3.05 -9.66 -0.59
N ILE A 103 2.39 -8.58 -0.18
CA ILE A 103 1.27 -8.04 -0.96
C ILE A 103 1.66 -6.70 -1.55
N SER A 104 1.62 -6.59 -2.88
CA SER A 104 1.87 -5.31 -3.53
C SER A 104 0.53 -4.66 -3.87
N SER A 105 0.18 -3.59 -3.17
CA SER A 105 -1.03 -2.80 -3.51
C SER A 105 -0.96 -2.39 -4.98
N HIS A 106 0.23 -1.96 -5.39
CA HIS A 106 0.52 -1.64 -6.77
C HIS A 106 2.02 -1.48 -6.92
N LEU A 107 2.49 -1.26 -8.15
CA LEU A 107 3.93 -1.31 -8.37
C LEU A 107 4.58 0.07 -8.59
N HIS A 108 3.91 1.12 -8.10
CA HIS A 108 4.49 2.47 -8.07
C HIS A 108 5.73 2.45 -7.15
N PHE A 109 6.67 3.34 -7.43
CA PHE A 109 8.00 3.24 -6.82
C PHE A 109 7.99 3.28 -5.29
N ASP A 110 7.01 3.97 -4.71
CA ASP A 110 6.91 4.13 -3.24
C ASP A 110 6.19 2.96 -2.57
N HIS A 111 5.80 1.97 -3.36
CA HIS A 111 5.10 0.81 -2.84
C HIS A 111 5.78 -0.52 -3.14
N ALA A 112 6.62 -0.55 -4.19
CA ALA A 112 7.27 -1.80 -4.61
C ALA A 112 8.78 -1.72 -4.81
N GLY A 113 9.39 -0.62 -4.36
CA GLY A 113 10.79 -0.36 -4.58
C GLY A 113 11.68 -1.36 -3.86
N GLY A 114 11.14 -1.94 -2.78
CA GLY A 114 11.84 -2.96 -2.00
C GLY A 114 11.56 -4.40 -2.44
N ASN A 115 10.83 -4.58 -3.54
CA ASN A 115 10.40 -5.93 -3.92
C ASN A 115 11.52 -6.94 -4.18
N GLY A 116 12.65 -6.46 -4.70
CA GLY A 116 13.77 -7.35 -5.05
C GLY A 116 14.36 -8.06 -3.84
N ALA A 117 14.10 -7.55 -2.63
CA ALA A 117 14.63 -8.17 -1.41
C ALA A 117 14.00 -9.55 -1.18
N PHE A 118 12.83 -9.79 -1.77
CA PHE A 118 12.05 -11.00 -1.47
C PHE A 118 12.08 -11.91 -2.67
N THR A 119 12.99 -12.88 -2.65
CA THR A 119 13.20 -13.72 -3.85
C THR A 119 12.58 -15.11 -3.75
N ASN A 120 12.08 -15.46 -2.56
CA ASN A 120 11.41 -16.75 -2.36
C ASN A 120 9.92 -16.59 -2.04
N THR A 121 9.63 -15.57 -1.25
CA THR A 121 8.27 -15.28 -0.82
C THR A 121 7.38 -14.93 -2.02
N PRO A 122 6.20 -15.54 -2.12
CA PRO A 122 5.28 -15.17 -3.18
C PRO A 122 4.86 -13.71 -3.01
N ILE A 123 4.93 -12.97 -4.11
CA ILE A 123 4.52 -11.59 -4.15
C ILE A 123 3.18 -11.53 -4.86
N ILE A 124 2.14 -11.21 -4.09
CA ILE A 124 0.77 -11.11 -4.60
C ILE A 124 0.52 -9.76 -5.27
N VAL A 125 0.21 -9.82 -6.56
CA VAL A 125 0.03 -8.62 -7.38
C VAL A 125 -1.08 -8.85 -8.40
N GLN A 126 -1.83 -7.81 -8.70
CA GLN A 126 -2.92 -7.91 -9.69
C GLN A 126 -2.34 -8.08 -11.08
N ARG A 127 -2.95 -8.95 -11.88
CA ARG A 127 -2.53 -9.15 -13.26
C ARG A 127 -2.43 -7.83 -14.04
N THR A 128 -3.43 -6.97 -13.89
CA THR A 128 -3.45 -5.72 -14.67
C THR A 128 -2.33 -4.78 -14.24
N GLU A 129 -1.93 -4.85 -12.98
CA GLU A 129 -0.80 -4.07 -12.47
C GLU A 129 0.53 -4.62 -12.99
N TYR A 130 0.69 -5.94 -12.87
CA TYR A 130 1.91 -6.63 -13.30
C TYR A 130 2.15 -6.39 -14.79
N GLU A 131 1.11 -6.64 -15.60
CA GLU A 131 1.21 -6.45 -17.04
C GLU A 131 1.46 -4.98 -17.41
N ALA A 132 0.84 -4.04 -16.69
CA ALA A 132 1.13 -2.62 -16.88
C ALA A 132 2.59 -2.28 -16.56
N ALA A 133 3.12 -2.87 -15.48
CA ALA A 133 4.48 -2.55 -15.06
C ALA A 133 5.52 -3.08 -16.05
N LEU A 134 5.15 -4.10 -16.82
CA LEU A 134 6.02 -4.62 -17.86
C LEU A 134 6.14 -3.70 -19.07
N HIS A 135 5.25 -2.72 -19.18
CA HIS A 135 5.18 -1.89 -20.40
C HIS A 135 5.12 -0.38 -20.19
N ARG A 136 4.50 0.07 -19.11
CA ARG A 136 4.28 1.52 -18.91
C ARG A 136 5.52 2.24 -18.38
N GLU A 137 5.75 3.44 -18.92
CA GLU A 137 6.97 4.21 -18.68
C GLU A 137 7.20 4.61 -17.22
N GLU A 138 6.11 4.86 -16.48
CA GLU A 138 6.21 5.32 -15.09
C GLU A 138 6.77 4.28 -14.11
N TYR A 139 6.90 3.03 -14.55
CA TYR A 139 7.34 1.94 -13.66
C TYR A 139 8.86 1.74 -13.68
N MET A 140 9.48 1.87 -12.52
CA MET A 140 10.92 1.68 -12.40
C MET A 140 11.25 0.21 -12.38
N LYS A 141 12.41 -0.17 -12.93
CA LYS A 141 12.77 -1.59 -12.98
C LYS A 141 12.79 -2.24 -11.60
N GLU A 142 13.23 -1.50 -10.58
CA GLU A 142 13.23 -2.00 -9.19
C GLU A 142 11.90 -2.57 -8.76
N CYS A 143 10.82 -2.08 -9.38
CA CYS A 143 9.46 -2.47 -9.02
C CYS A 143 8.87 -3.61 -9.84
N ILE A 144 9.62 -4.07 -10.86
CA ILE A 144 9.13 -5.10 -11.76
C ILE A 144 10.28 -6.03 -12.19
N LEU A 145 11.10 -6.42 -11.22
CA LEU A 145 12.19 -7.36 -11.50
C LEU A 145 11.61 -8.69 -12.02
N PRO A 146 12.26 -9.29 -13.03
CA PRO A 146 11.60 -10.33 -13.83
C PRO A 146 11.44 -11.67 -13.14
N HIS A 147 12.31 -11.98 -12.18
CA HIS A 147 12.42 -13.36 -11.71
C HIS A 147 12.01 -13.62 -10.27
N LEU A 148 11.25 -12.70 -9.70
CA LEU A 148 10.68 -12.87 -8.36
C LEU A 148 9.54 -13.88 -8.45
N ASN A 149 9.12 -14.38 -7.28
CA ASN A 149 8.08 -15.38 -7.23
C ASN A 149 6.70 -14.72 -7.21
N TYR A 150 6.30 -14.15 -8.34
CA TYR A 150 4.99 -13.49 -8.45
C TYR A 150 3.84 -14.47 -8.33
N LYS A 151 2.85 -14.09 -7.52
CA LYS A 151 1.59 -14.81 -7.43
C LYS A 151 0.56 -13.86 -8.00
N ILE A 152 0.27 -14.04 -9.28
CA ILE A 152 -0.55 -13.10 -10.02
C ILE A 152 -2.02 -13.42 -9.83
N ILE A 153 -2.78 -12.44 -9.37
CA ILE A 153 -4.19 -12.65 -9.11
C ILE A 153 -5.04 -11.70 -9.97
N GLU A 154 -6.35 -11.94 -10.00
CA GLU A 154 -7.24 -11.07 -10.75
C GLU A 154 -8.50 -10.84 -9.93
N GLY A 155 -8.69 -9.60 -9.50
CA GLY A 155 -9.90 -9.22 -8.79
C GLY A 155 -9.77 -9.44 -7.30
N ASP A 156 -10.90 -9.62 -6.62
CA ASP A 156 -10.89 -9.79 -5.16
C ASP A 156 -10.30 -11.15 -4.78
N TYR A 157 -9.66 -11.23 -3.61
CA TYR A 157 -8.89 -12.42 -3.27
C TYR A 157 -8.69 -12.51 -1.77
N GLU A 158 -8.99 -13.68 -1.18
CA GLU A 158 -8.61 -13.91 0.21
C GLU A 158 -7.20 -14.48 0.28
N VAL A 159 -6.29 -13.75 0.94
CA VAL A 159 -4.89 -14.18 1.05
C VAL A 159 -4.78 -15.30 2.08
N VAL A 160 -5.19 -15.00 3.30
CA VAL A 160 -5.35 -15.99 4.37
C VAL A 160 -6.60 -15.53 5.15
N PRO A 161 -7.19 -16.38 5.98
CA PRO A 161 -8.30 -15.93 6.82
C PRO A 161 -7.94 -14.63 7.57
N GLY A 162 -8.81 -13.62 7.48
CA GLY A 162 -8.56 -12.32 8.09
C GLY A 162 -7.90 -11.29 7.20
N VAL A 163 -7.44 -11.70 6.02
CA VAL A 163 -6.73 -10.80 5.11
C VAL A 163 -7.29 -10.90 3.70
N GLN A 164 -7.96 -9.84 3.27
CA GLN A 164 -8.60 -9.86 1.96
C GLN A 164 -8.20 -8.67 1.11
N LEU A 165 -8.10 -8.93 -0.18
CA LEU A 165 -7.75 -7.91 -1.14
C LEU A 165 -9.00 -7.47 -1.87
N LEU A 166 -9.17 -6.15 -1.95
CA LEU A 166 -10.24 -5.55 -2.73
C LEU A 166 -9.61 -4.87 -3.94
N TYR A 167 -10.00 -5.33 -5.11
CA TYR A 167 -9.55 -4.76 -6.35
C TYR A 167 -10.09 -3.34 -6.51
N THR A 168 -9.18 -2.37 -6.59
CA THR A 168 -9.53 -0.95 -6.63
C THR A 168 -8.69 -0.21 -7.67
N PRO A 169 -8.87 -0.58 -8.94
CA PRO A 169 -8.11 0.04 -10.02
C PRO A 169 -8.49 1.50 -10.23
N GLY A 170 -7.61 2.27 -10.87
CA GLY A 170 -7.92 3.66 -11.20
C GLY A 170 -6.69 4.51 -10.95
N HIS A 171 -6.29 4.58 -9.68
CA HIS A 171 -5.04 5.24 -9.34
C HIS A 171 -3.88 4.66 -10.17
N SER A 172 -3.82 3.34 -10.23
CA SER A 172 -2.96 2.62 -11.16
C SER A 172 -3.82 1.54 -11.86
N PRO A 173 -3.34 0.96 -12.96
CA PRO A 173 -4.15 -0.01 -13.72
C PRO A 173 -4.67 -1.19 -12.91
N GLY A 174 -3.89 -1.66 -11.93
CA GLY A 174 -4.25 -2.83 -11.12
C GLY A 174 -4.14 -2.62 -9.63
N HIS A 175 -4.40 -1.39 -9.17
CA HIS A 175 -4.30 -1.07 -7.75
C HIS A 175 -5.26 -1.93 -6.92
N GLN A 176 -4.80 -2.40 -5.76
CA GLN A 176 -5.67 -3.12 -4.82
C GLN A 176 -5.50 -2.59 -3.38
N SER A 177 -6.62 -2.60 -2.66
CA SER A 177 -6.71 -2.15 -1.26
C SER A 177 -6.89 -3.38 -0.35
N LEU A 178 -6.81 -3.17 0.96
CA LEU A 178 -6.84 -4.29 1.92
C LEU A 178 -8.03 -4.17 2.87
N PHE A 179 -8.75 -5.28 3.08
CA PHE A 179 -9.75 -5.37 4.13
C PHE A 179 -9.30 -6.47 5.09
N ILE A 180 -9.06 -6.08 6.34
CA ILE A 180 -8.45 -6.96 7.34
C ILE A 180 -9.36 -6.99 8.56
N LYS A 181 -9.44 -8.15 9.23
CA LYS A 181 -10.01 -8.17 10.56
C LYS A 181 -8.89 -8.49 11.54
N THR A 182 -8.68 -7.63 12.53
CA THR A 182 -7.68 -7.90 13.57
C THR A 182 -8.32 -8.26 14.90
N GLU A 183 -7.54 -8.98 15.71
CA GLU A 183 -8.00 -9.39 17.03
C GLU A 183 -8.36 -8.20 17.93
N GLN A 184 -7.56 -7.12 17.86
CA GLN A 184 -7.75 -5.98 18.77
C GLN A 184 -8.75 -4.95 18.28
N SER A 185 -8.90 -4.83 16.96
CA SER A 185 -9.62 -3.70 16.38
C SER A 185 -10.84 -4.06 15.54
N GLY A 186 -10.97 -5.32 15.18
CA GLY A 186 -12.03 -5.74 14.27
C GLY A 186 -11.72 -5.31 12.84
N SER A 187 -12.73 -4.84 12.11
CA SER A 187 -12.59 -4.61 10.68
C SER A 187 -11.80 -3.33 10.39
N VAL A 188 -10.83 -3.45 9.49
CA VAL A 188 -9.92 -2.37 9.14
C VAL A 188 -9.82 -2.29 7.62
N LEU A 189 -10.03 -1.10 7.06
CA LEU A 189 -9.82 -0.90 5.63
C LEU A 189 -8.58 -0.02 5.39
N LEU A 190 -7.60 -0.58 4.66
CA LEU A 190 -6.44 0.16 4.22
C LEU A 190 -6.69 0.49 2.74
N THR A 191 -7.04 1.75 2.45
CA THR A 191 -7.36 2.13 1.06
C THR A 191 -6.10 2.08 0.20
N ILE A 192 -4.95 2.25 0.86
CA ILE A 192 -3.69 2.55 0.14
C ILE A 192 -3.99 3.72 -0.82
N ASP A 193 -3.56 3.65 -2.09
CA ASP A 193 -3.69 4.81 -2.99
C ASP A 193 -5.03 4.92 -3.74
N ALA A 194 -5.99 4.11 -3.32
CA ALA A 194 -7.37 4.29 -3.79
C ALA A 194 -7.96 5.61 -3.25
N SER A 195 -7.33 6.17 -2.21
CA SER A 195 -7.64 7.50 -1.70
C SER A 195 -6.43 7.95 -0.88
N TYR A 196 -5.78 9.03 -1.31
CA TYR A 196 -4.62 9.56 -0.58
C TYR A 196 -5.07 10.06 0.78
N THR A 197 -6.17 10.83 0.79
CA THR A 197 -6.65 11.52 1.99
C THR A 197 -8.11 11.19 2.25
N LYS A 198 -8.56 11.46 3.47
CA LYS A 198 -9.93 11.16 3.83
C LYS A 198 -10.90 11.83 2.87
N GLU A 199 -10.61 13.06 2.46
CA GLU A 199 -11.54 13.78 1.59
C GLU A 199 -11.57 13.21 0.17
N ASN A 200 -10.49 12.59 -0.28
CA ASN A 200 -10.53 11.90 -1.58
C ASN A 200 -11.59 10.83 -1.54
N PHE A 201 -11.76 10.24 -0.36
CA PHE A 201 -12.68 9.13 -0.20
C PHE A 201 -14.08 9.64 0.11
N GLU A 202 -14.23 10.29 1.25
CA GLU A 202 -15.54 10.71 1.74
C GLU A 202 -16.21 11.74 0.82
N ASP A 203 -15.43 12.71 0.36
CA ASP A 203 -16.00 13.80 -0.44
C ASP A 203 -15.70 13.66 -1.93
N GLU A 204 -14.98 12.60 -2.27
CA GLU A 204 -14.64 12.30 -3.66
C GLU A 204 -13.90 13.47 -4.32
N VAL A 205 -12.96 14.03 -3.57
CA VAL A 205 -12.08 15.07 -4.09
C VAL A 205 -11.08 14.39 -5.05
N PRO A 206 -11.09 14.79 -6.32
CA PRO A 206 -10.24 14.14 -7.34
C PRO A 206 -8.75 14.26 -7.02
N PHE A 207 -7.98 13.21 -7.33
CA PHE A 207 -6.54 13.18 -7.04
C PHE A 207 -5.78 12.43 -8.15
N ALA A 208 -4.45 12.48 -8.09
CA ALA A 208 -3.60 11.95 -9.17
C ALA A 208 -3.86 10.47 -9.44
N GLY A 209 -4.05 10.12 -10.70
CA GLY A 209 -4.28 8.72 -11.09
C GLY A 209 -4.24 8.42 -12.58
N PHE A 210 -3.96 7.15 -12.89
CA PHE A 210 -3.95 6.62 -14.26
C PHE A 210 -5.32 6.77 -14.94
N ASP A 211 -6.40 6.48 -14.20
CA ASP A 211 -7.76 6.51 -14.73
C ASP A 211 -8.71 7.01 -13.64
N PRO A 212 -8.82 8.33 -13.48
CA PRO A 212 -9.68 8.95 -12.47
C PRO A 212 -11.14 8.46 -12.44
N GLU A 213 -11.70 8.17 -13.62
CA GLU A 213 -13.08 7.67 -13.71
C GLU A 213 -13.21 6.32 -13.02
N LEU A 214 -12.25 5.43 -13.32
CA LEU A 214 -12.17 4.11 -12.68
C LEU A 214 -11.86 4.24 -11.19
N ALA A 215 -10.98 5.19 -10.84
CA ALA A 215 -10.66 5.47 -9.43
C ALA A 215 -11.95 5.83 -8.67
N LEU A 216 -12.80 6.63 -9.29
CA LEU A 216 -14.06 7.00 -8.65
C LEU A 216 -14.98 5.80 -8.42
N SER A 217 -15.13 4.95 -9.44
CA SER A 217 -15.94 3.74 -9.24
C SER A 217 -15.37 2.80 -8.16
N SER A 218 -14.05 2.75 -8.06
CA SER A 218 -13.40 1.95 -7.00
C SER A 218 -13.73 2.51 -5.62
N ILE A 219 -13.72 3.84 -5.49
CA ILE A 219 -14.16 4.51 -4.26
C ILE A 219 -15.62 4.18 -3.95
N LYS A 220 -16.48 4.23 -4.98
CA LYS A 220 -17.89 3.90 -4.80
C LYS A 220 -18.04 2.47 -4.28
N ARG A 221 -17.27 1.52 -4.83
CA ARG A 221 -17.39 0.16 -4.33
C ARG A 221 -16.90 0.04 -2.89
N LEU A 222 -15.78 0.70 -2.57
CA LEU A 222 -15.30 0.73 -1.19
C LEU A 222 -16.36 1.32 -0.25
N LYS A 223 -17.12 2.31 -0.74
CA LYS A 223 -18.21 2.85 0.05
C LYS A 223 -19.31 1.82 0.36
N GLU A 224 -19.57 0.92 -0.58
CA GLU A 224 -20.54 -0.16 -0.36
C GLU A 224 -20.01 -1.11 0.74
N VAL A 225 -18.72 -1.38 0.70
CA VAL A 225 -18.06 -2.17 1.72
C VAL A 225 -18.15 -1.47 3.07
N VAL A 226 -17.87 -0.17 3.10
CA VAL A 226 -17.92 0.62 4.34
C VAL A 226 -19.34 0.63 4.94
N LYS A 227 -20.37 0.70 4.09
CA LYS A 227 -21.76 0.67 4.55
C LYS A 227 -22.07 -0.63 5.28
N LYS A 228 -21.54 -1.73 4.77
CA LYS A 228 -21.84 -3.06 5.31
C LYS A 228 -20.99 -3.39 6.53
N GLU A 229 -19.73 -2.98 6.52
CA GLU A 229 -18.75 -3.45 7.50
C GLU A 229 -18.38 -2.41 8.56
N LYS A 230 -18.62 -1.12 8.27
CA LYS A 230 -18.25 -0.05 9.19
C LYS A 230 -16.85 -0.21 9.80
N PRO A 231 -15.83 -0.32 8.94
CA PRO A 231 -14.46 -0.58 9.41
C PRO A 231 -13.82 0.72 9.87
N ILE A 232 -12.69 0.63 10.56
CA ILE A 232 -11.85 1.82 10.68
C ILE A 232 -11.02 1.91 9.43
N ILE A 233 -10.89 3.12 8.89
CA ILE A 233 -10.29 3.32 7.58
C ILE A 233 -8.99 4.10 7.70
N PHE A 234 -7.97 3.63 7.01
CA PHE A 234 -6.69 4.33 6.97
C PHE A 234 -6.32 4.62 5.53
N PHE A 235 -6.06 5.89 5.25
CA PHE A 235 -5.81 6.36 3.89
C PHE A 235 -4.34 6.27 3.47
N GLY A 236 -4.06 6.44 2.18
CA GLY A 236 -2.74 6.11 1.66
C GLY A 236 -1.60 7.03 2.03
N HIS A 237 -1.87 8.33 1.93
CA HIS A 237 -0.84 9.36 2.05
C HIS A 237 -1.49 10.58 2.71
N ASP A 238 -1.97 10.40 3.95
CA ASP A 238 -2.77 11.41 4.64
C ASP A 238 -1.99 12.01 5.80
N ILE A 239 -1.50 13.24 5.63
CA ILE A 239 -0.68 13.88 6.68
C ILE A 239 -1.48 14.28 7.91
N GLU A 240 -2.79 14.43 7.74
CA GLU A 240 -3.66 14.78 8.86
C GLU A 240 -3.91 13.58 9.78
N GLN A 241 -4.02 12.39 9.18
CA GLN A 241 -4.29 11.15 9.91
C GLN A 241 -3.01 10.54 10.46
N GLU A 242 -1.90 10.83 9.78
CA GLU A 242 -0.61 10.20 10.02
C GLU A 242 -0.19 10.04 11.49
N LYS A 243 -0.13 11.14 12.24
CA LYS A 243 0.51 11.11 13.54
C LYS A 243 -0.35 10.56 14.69
N SER A 244 -1.64 10.38 14.44
CA SER A 244 -2.52 9.79 15.45
C SER A 244 -2.61 8.27 15.30
N CYS A 245 -2.02 7.74 14.23
CA CYS A 245 -1.92 6.29 14.05
C CYS A 245 -0.94 5.70 15.05
N ARG A 246 -1.33 4.59 15.69
CA ARG A 246 -0.35 3.80 16.41
C ARG A 246 0.56 3.18 15.39
N VAL A 247 1.88 3.32 15.59
CA VAL A 247 2.86 2.78 14.65
C VAL A 247 3.83 1.84 15.34
N PHE A 248 4.51 0.99 14.56
CA PHE A 248 5.49 0.05 15.07
C PHE A 248 6.40 0.78 16.07
N PRO A 249 6.69 0.19 17.24
CA PRO A 249 6.35 -1.19 17.60
C PRO A 249 4.95 -1.46 18.17
N GLU A 250 4.09 -0.44 18.25
CA GLU A 250 2.70 -0.68 18.64
C GLU A 250 1.94 -1.28 17.45
N TYR A 251 0.81 -1.90 17.74
CA TYR A 251 -0.03 -2.52 16.71
C TYR A 251 -1.52 -2.32 17.00
N ILE A 252 -2.35 -2.60 16.01
CA ILE A 252 -3.82 -2.56 16.18
C ILE A 252 -4.45 -3.90 15.74
ZN ZN B . 1.74 6.02 -3.23
ZN ZN C . 0.61 5.16 -6.32
C1 GOL D . 11.17 -17.08 -11.79
O1 GOL D . 10.48 -16.62 -12.92
C2 GOL D . 10.20 -17.31 -10.64
O2 GOL D . 9.31 -18.37 -10.99
C3 GOL D . 10.99 -17.69 -9.39
O3 GOL D . 10.20 -18.38 -8.45
C1 GOL E . -17.03 -23.15 9.94
O1 GOL E . -16.04 -22.67 10.84
C2 GOL E . -18.40 -23.12 10.60
O2 GOL E . -18.48 -22.08 11.55
C3 GOL E . -19.51 -23.02 9.58
O3 GOL E . -20.79 -22.84 10.19
N HSL F . 4.38 8.38 -6.28
CA HSL F . 3.12 8.53 -6.35
C HSL F . 2.13 8.17 -5.36
O HSL F . 2.16 8.36 -4.13
CB HSL F . 2.46 8.68 -7.75
CG HSL F . 1.20 7.84 -7.57
OD HSL F . 1.02 7.56 -6.10
#